data_7S9X
#
_entry.id   7S9X
#
_cell.length_a   53.657
_cell.length_b   71.924
_cell.length_c   72.371
_cell.angle_alpha   90.000
_cell.angle_beta   90.000
_cell.angle_gamma   90.000
#
_symmetry.space_group_name_H-M   'P 21 21 21'
#
loop_
_entity.id
_entity.type
_entity.pdbx_description
1 polymer 'Cyclin-dependent kinase 2'
2 non-polymer '2-[(9H-carbazol-3-yl)amino]-5-(trifluoromethyl)benzoic acid'
3 water water
#
_entity_poly.entity_id   1
_entity_poly.type   'polypeptide(L)'
_entity_poly.pdbx_seq_one_letter_code
;MENFQKVEKIGEGTYGVVYKARNKLTGEVVALKKIRLDTETEGVPSTAIREISLLKELNHPNIVKLLDVIHTENKLYLVF
EFLHQDLKKFMDASALTGIPLPLIKSYLFQLLQGLAFCHSHRVLHRDLKPQNLLINTEGAIKLADFGLARAFGVPVRTYT
HEVVTLWYRAPEILLGCKYYSTAVDIWSLGCIFAEMVTRRALFPGDSEIDQLFRIFRTLGTPDEVVWPGVTSMPDYKPSF
PKWARQDFSKVVPPLDEDGRSLLSQMLHYDPNKRISAKAALAHPFFQDVTKPVPHLRL
;
_entity_poly.pdbx_strand_id   A
#
loop_
_chem_comp.id
_chem_comp.type
_chem_comp.name
_chem_comp.formula
8KF non-polymer '2-[(9H-carbazol-3-yl)amino]-5-(trifluoromethyl)benzoic acid' 'C20 H13 F3 N2 O2'
#
# COMPACT_ATOMS: atom_id res chain seq x y z
N ASN A 3 -2.06 8.79 -32.46
CA ASN A 3 -2.28 7.57 -31.69
C ASN A 3 -3.76 7.23 -31.74
N PHE A 4 -4.18 6.22 -30.99
CA PHE A 4 -5.58 5.85 -30.87
C PHE A 4 -6.28 6.57 -29.71
N GLN A 5 -5.66 7.59 -29.12
CA GLN A 5 -6.19 8.21 -27.92
C GLN A 5 -5.89 9.70 -27.90
N LYS A 6 -6.77 10.47 -27.26
CA LYS A 6 -6.52 11.85 -26.86
C LYS A 6 -6.14 11.88 -25.39
N VAL A 7 -5.34 12.87 -24.99
CA VAL A 7 -4.49 12.74 -23.80
C VAL A 7 -4.86 13.74 -22.71
N GLU A 8 -4.28 13.51 -21.52
CA GLU A 8 -4.09 14.46 -20.44
C GLU A 8 -3.24 13.81 -19.34
N LYS A 9 -2.10 14.39 -19.01
CA LYS A 9 -1.22 13.78 -18.01
C LYS A 9 -1.81 13.91 -16.62
N ILE A 10 -1.71 12.83 -15.84
CA ILE A 10 -2.16 12.83 -14.45
C ILE A 10 -1.06 12.40 -13.50
N GLY A 11 0.17 12.20 -13.99
CA GLY A 11 1.29 11.84 -13.14
C GLY A 11 2.23 10.83 -13.74
N THR A 14 7.25 5.43 -11.16
CA THR A 14 8.67 5.18 -11.33
C THR A 14 8.92 4.46 -12.65
N TYR A 15 7.88 3.83 -13.17
CA TYR A 15 7.99 3.11 -14.43
C TYR A 15 7.83 4.05 -15.61
N GLY A 16 6.95 5.02 -15.50
CA GLY A 16 6.80 5.99 -16.57
C GLY A 16 5.69 6.97 -16.27
N VAL A 17 5.31 7.68 -17.30
CA VAL A 17 4.29 8.70 -17.19
C VAL A 17 2.92 8.05 -17.35
N VAL A 18 1.90 8.64 -16.73
CA VAL A 18 0.53 8.13 -16.74
C VAL A 18 -0.39 9.20 -17.29
N TYR A 19 -1.21 8.84 -18.27
CA TYR A 19 -2.11 9.77 -18.96
C TYR A 19 -3.56 9.37 -18.76
N LYS A 20 -4.42 10.37 -18.56
CA LYS A 20 -5.85 10.17 -18.80
C LYS A 20 -6.08 10.28 -20.30
N ALA A 21 -6.71 9.27 -20.87
CA ALA A 21 -6.85 9.21 -22.32
C ALA A 21 -8.25 8.75 -22.70
N ARG A 22 -8.66 9.09 -23.91
CA ARG A 22 -9.96 8.69 -24.44
C ARG A 22 -9.73 7.85 -25.69
N ASN A 23 -10.28 6.65 -25.71
CA ASN A 23 -10.15 5.78 -26.87
C ASN A 23 -10.94 6.38 -28.03
N LYS A 24 -10.22 6.74 -29.10
CA LYS A 24 -10.83 7.53 -30.18
C LYS A 24 -11.97 6.79 -30.87
N LEU A 25 -12.06 5.46 -30.76
CA LEU A 25 -13.11 4.72 -31.44
C LEU A 25 -13.95 3.87 -30.49
N THR A 26 -13.93 4.15 -29.19
CA THR A 26 -14.96 3.62 -28.29
C THR A 26 -15.52 4.66 -27.34
N GLY A 27 -14.96 5.87 -27.28
CA GLY A 27 -15.34 6.84 -26.29
C GLY A 27 -14.85 6.55 -24.89
N GLU A 28 -14.26 5.39 -24.65
CA GLU A 28 -13.86 4.95 -23.33
C GLU A 28 -12.75 5.84 -22.77
N VAL A 29 -12.89 6.26 -21.52
CA VAL A 29 -11.87 7.03 -20.82
C VAL A 29 -11.07 6.06 -19.96
N VAL A 30 -9.74 6.11 -20.08
CA VAL A 30 -8.84 5.11 -19.53
C VAL A 30 -7.61 5.79 -18.94
N ALA A 31 -6.85 5.01 -18.16
CA ALA A 31 -5.55 5.43 -17.66
C ALA A 31 -4.48 4.77 -18.51
N LEU A 32 -3.65 5.58 -19.16
CA LEU A 32 -2.63 5.11 -20.09
C LEU A 32 -1.27 5.26 -19.42
N LYS A 33 -0.61 4.14 -19.13
CA LYS A 33 0.71 4.13 -18.52
C LYS A 33 1.73 3.68 -19.56
N LYS A 34 2.71 4.55 -19.83
CA LYS A 34 3.79 4.26 -20.77
C LYS A 34 5.03 3.86 -20.00
N ILE A 35 5.52 2.64 -20.23
CA ILE A 35 6.74 2.15 -19.59
C ILE A 35 7.92 2.43 -20.50
N ARG A 36 8.98 2.98 -19.92
CA ARG A 36 10.18 3.37 -20.67
C ARG A 36 9.83 4.30 -21.83
N ALA A 48 7.94 -12.51 -19.57
CA ALA A 48 7.41 -11.30 -18.96
C ALA A 48 6.04 -10.96 -19.55
N ILE A 49 6.05 -10.56 -20.81
CA ILE A 49 4.82 -10.24 -21.54
C ILE A 49 3.79 -11.35 -21.34
N ARG A 50 4.25 -12.61 -21.33
CA ARG A 50 3.36 -13.75 -21.14
C ARG A 50 2.74 -13.78 -19.75
N GLU A 51 3.39 -13.18 -18.75
CA GLU A 51 2.89 -13.22 -17.39
C GLU A 51 2.12 -11.97 -17.00
N ILE A 52 2.56 -10.80 -17.49
CA ILE A 52 1.76 -9.58 -17.36
C ILE A 52 0.37 -9.80 -17.92
N SER A 53 0.29 -10.49 -19.07
CA SER A 53 -0.99 -10.71 -19.72
C SER A 53 -1.89 -11.64 -18.90
N LEU A 54 -1.29 -12.50 -18.06
CA LEU A 54 -2.10 -13.28 -17.14
C LEU A 54 -2.83 -12.38 -16.15
N LEU A 55 -2.34 -11.16 -15.94
CA LEU A 55 -2.98 -10.26 -14.99
C LEU A 55 -4.27 -9.67 -15.56
N LYS A 56 -4.37 -9.54 -16.89
CA LYS A 56 -5.62 -9.08 -17.49
C LYS A 56 -6.77 -10.03 -17.15
N GLU A 57 -6.47 -11.33 -17.04
CA GLU A 57 -7.51 -12.31 -16.77
C GLU A 57 -7.91 -12.38 -15.31
N LEU A 58 -7.06 -11.86 -14.41
CA LEU A 58 -7.34 -11.88 -12.98
C LEU A 58 -7.91 -10.54 -12.57
N ASN A 59 -9.15 -10.55 -12.09
CA ASN A 59 -9.83 -9.33 -11.71
C ASN A 59 -10.52 -9.51 -10.36
N HIS A 60 -10.68 -8.40 -9.64
CA HIS A 60 -11.24 -8.37 -8.30
C HIS A 60 -11.79 -6.98 -8.08
N PRO A 61 -12.89 -6.82 -7.33
CA PRO A 61 -13.48 -5.48 -7.21
C PRO A 61 -12.57 -4.47 -6.54
N ASN A 62 -11.52 -4.92 -5.87
CA ASN A 62 -10.62 -4.03 -5.15
C ASN A 62 -9.24 -3.98 -5.79
N ILE A 63 -9.15 -4.36 -7.05
CA ILE A 63 -7.92 -4.23 -7.84
C ILE A 63 -8.26 -3.48 -9.13
N VAL A 64 -7.45 -2.49 -9.50
CA VAL A 64 -7.69 -1.76 -10.73
C VAL A 64 -7.55 -2.69 -11.94
N LYS A 65 -8.48 -2.58 -12.89
CA LYS A 65 -8.52 -3.54 -14.00
C LYS A 65 -7.48 -3.17 -15.05
N LEU A 66 -6.69 -4.17 -15.47
CA LEU A 66 -5.74 -4.01 -16.57
C LEU A 66 -6.45 -4.40 -17.87
N LEU A 67 -6.68 -3.43 -18.75
CA LEU A 67 -7.48 -3.67 -19.95
C LEU A 67 -6.64 -4.26 -21.07
N ASP A 68 -5.52 -3.65 -21.39
CA ASP A 68 -4.72 -4.07 -22.55
C ASP A 68 -3.24 -3.85 -22.27
N VAL A 69 -2.43 -4.78 -22.75
CA VAL A 69 -0.98 -4.64 -22.77
C VAL A 69 -0.59 -4.43 -24.23
N ILE A 70 0.31 -3.47 -24.47
CA ILE A 70 0.72 -3.14 -25.83
C ILE A 70 2.23 -2.93 -25.82
N HIS A 71 2.95 -3.76 -26.56
CA HIS A 71 4.39 -3.64 -26.71
C HIS A 71 4.70 -3.24 -28.14
N THR A 72 5.52 -2.21 -28.31
CA THR A 72 5.92 -1.75 -29.65
C THR A 72 7.22 -0.96 -29.57
N LYS A 75 8.80 0.24 -26.43
CA LYS A 75 7.96 0.86 -25.40
C LYS A 75 6.83 -0.08 -25.01
N LEU A 76 6.48 -0.07 -23.73
CA LEU A 76 5.41 -0.89 -23.18
C LEU A 76 4.29 -0.01 -22.66
N TYR A 77 3.08 -0.21 -23.18
CA TYR A 77 1.92 0.55 -22.79
C TYR A 77 0.97 -0.34 -22.00
N LEU A 78 0.45 0.17 -20.89
CA LEU A 78 -0.52 -0.54 -20.07
C LEU A 78 -1.78 0.33 -19.99
N VAL A 79 -2.92 -0.22 -20.39
CA VAL A 79 -4.18 0.52 -20.36
C VAL A 79 -5.00 0.01 -19.18
N PHE A 80 -5.30 0.90 -18.24
CA PHE A 80 -6.06 0.57 -17.05
C PHE A 80 -7.40 1.31 -17.07
N GLU A 81 -8.38 0.74 -16.37
CA GLU A 81 -9.57 1.50 -16.05
C GLU A 81 -9.18 2.76 -15.30
N PHE A 82 -9.96 3.81 -15.50
CA PHE A 82 -9.65 5.12 -14.96
C PHE A 82 -10.48 5.39 -13.70
N LEU A 83 -9.82 5.85 -12.64
CA LEU A 83 -10.51 6.30 -11.44
C LEU A 83 -10.09 7.74 -11.15
N HIS A 84 -11.04 8.55 -10.69
CA HIS A 84 -10.84 9.99 -10.63
C HIS A 84 -9.98 10.46 -9.47
N GLN A 85 -9.93 9.74 -8.36
CA GLN A 85 -9.19 10.26 -7.22
C GLN A 85 -8.36 9.16 -6.60
N ASP A 86 -7.29 9.57 -5.92
CA ASP A 86 -6.48 8.63 -5.15
C ASP A 86 -6.55 8.96 -3.67
N LEU A 87 -6.11 8.00 -2.84
CA LEU A 87 -6.24 8.15 -1.39
C LEU A 87 -5.37 9.29 -0.86
N LYS A 88 -4.26 9.59 -1.53
CA LYS A 88 -3.41 10.69 -1.06
C LYS A 88 -4.13 12.02 -1.22
N LYS A 89 -4.76 12.25 -2.39
CA LYS A 89 -5.54 13.47 -2.60
C LYS A 89 -6.69 13.54 -1.62
N PHE A 90 -7.31 12.40 -1.30
CA PHE A 90 -8.46 12.39 -0.42
C PHE A 90 -8.06 12.68 1.02
N MET A 91 -6.91 12.14 1.44
CA MET A 91 -6.42 12.42 2.79
C MET A 91 -6.06 13.89 2.96
N ASP A 92 -5.37 14.47 1.97
CA ASP A 92 -5.08 15.91 1.99
C ASP A 92 -6.36 16.72 2.05
N ALA A 93 -7.32 16.41 1.18
CA ALA A 93 -8.59 17.11 1.18
C ALA A 93 -9.29 17.00 2.53
N SER A 94 -9.09 15.89 3.23
CA SER A 94 -9.75 15.63 4.50
C SER A 94 -8.90 16.04 5.70
N ALA A 95 -7.83 16.81 5.50
CA ALA A 95 -6.82 16.94 6.54
C ALA A 95 -7.31 17.78 7.72
N LEU A 96 -8.24 18.70 7.49
CA LEU A 96 -8.73 19.51 8.59
C LEU A 96 -9.67 18.71 9.49
N THR A 97 -10.46 17.82 8.89
CA THR A 97 -11.45 17.06 9.64
C THR A 97 -11.02 15.63 9.96
N GLY A 98 -10.18 15.03 9.13
CA GLY A 98 -9.94 13.61 9.26
C GLY A 98 -10.99 12.78 8.54
N ILE A 99 -10.57 11.65 7.99
CA ILE A 99 -11.52 10.72 7.40
C ILE A 99 -12.33 10.07 8.51
N PRO A 100 -13.66 10.02 8.40
CA PRO A 100 -14.46 9.38 9.44
C PRO A 100 -14.04 7.93 9.64
N LEU A 101 -13.98 7.52 10.91
CA LEU A 101 -13.57 6.16 11.25
C LEU A 101 -14.32 5.09 10.47
N PRO A 102 -15.66 5.15 10.30
CA PRO A 102 -16.30 4.11 9.49
C PRO A 102 -15.79 4.04 8.07
N LEU A 103 -15.34 5.16 7.48
CA LEU A 103 -14.77 5.13 6.14
C LEU A 103 -13.34 4.60 6.14
N ILE A 104 -12.53 4.98 7.14
CA ILE A 104 -11.21 4.35 7.31
C ILE A 104 -11.35 2.84 7.35
N LYS A 105 -12.26 2.35 8.19
CA LYS A 105 -12.43 0.91 8.37
C LYS A 105 -12.87 0.25 7.06
N SER A 106 -13.81 0.87 6.34
CA SER A 106 -14.23 0.31 5.05
C SER A 106 -13.08 0.24 4.06
N TYR A 107 -12.29 1.31 3.96
CA TYR A 107 -11.16 1.32 3.04
C TYR A 107 -10.12 0.26 3.43
N LEU A 108 -9.78 0.20 4.72
CA LEU A 108 -8.87 -0.85 5.21
C LEU A 108 -9.39 -2.25 4.88
N PHE A 109 -10.65 -2.51 5.20
CA PHE A 109 -11.26 -3.82 4.91
C PHE A 109 -11.19 -4.15 3.42
N GLN A 110 -11.51 -3.19 2.57
CA GLN A 110 -11.47 -3.42 1.13
C GLN A 110 -10.06 -3.67 0.63
N LEU A 111 -9.09 -2.88 1.12
CA LEU A 111 -7.70 -3.09 0.73
C LEU A 111 -7.19 -4.46 1.16
N LEU A 112 -7.55 -4.92 2.36
CA LEU A 112 -7.19 -6.27 2.79
C LEU A 112 -7.85 -7.32 1.91
N GLN A 113 -9.09 -7.07 1.48
CA GLN A 113 -9.73 -7.98 0.53
C GLN A 113 -8.95 -8.11 -0.76
N GLY A 114 -8.48 -6.99 -1.30
CA GLY A 114 -7.72 -7.03 -2.53
C GLY A 114 -6.37 -7.69 -2.35
N LEU A 115 -5.68 -7.39 -1.24
CA LEU A 115 -4.42 -8.04 -0.94
C LEU A 115 -4.60 -9.54 -0.77
N ALA A 116 -5.65 -9.94 -0.04
CA ALA A 116 -5.87 -11.36 0.18
C ALA A 116 -6.07 -12.09 -1.14
N PHE A 117 -6.69 -11.41 -2.10
CA PHE A 117 -6.91 -11.99 -3.42
C PHE A 117 -5.60 -12.20 -4.16
N CYS A 118 -4.81 -11.13 -4.32
CA CYS A 118 -3.59 -11.31 -5.09
C CYS A 118 -2.56 -12.16 -4.35
N HIS A 119 -2.55 -12.09 -3.00
CA HIS A 119 -1.66 -12.98 -2.25
C HIS A 119 -2.06 -14.43 -2.41
N SER A 120 -3.36 -14.69 -2.57
CA SER A 120 -3.82 -16.04 -2.87
C SER A 120 -3.36 -16.51 -4.24
N HIS A 121 -2.99 -15.58 -5.14
CA HIS A 121 -2.39 -15.92 -6.42
C HIS A 121 -0.87 -15.78 -6.42
N ARG A 122 -0.26 -15.64 -5.24
CA ARG A 122 1.19 -15.50 -5.10
C ARG A 122 1.72 -14.28 -5.85
N VAL A 123 0.94 -13.20 -5.91
CA VAL A 123 1.36 -11.95 -6.51
C VAL A 123 1.50 -10.92 -5.40
N LEU A 124 2.64 -10.24 -5.38
CA LEU A 124 2.92 -9.19 -4.42
C LEU A 124 2.73 -7.82 -5.06
N HIS A 125 2.32 -6.85 -4.26
CA HIS A 125 2.31 -5.48 -4.78
C HIS A 125 3.71 -4.86 -4.72
N ARG A 126 4.28 -4.81 -3.50
CA ARG A 126 5.66 -4.38 -3.22
C ARG A 126 5.84 -2.87 -3.06
N ASP A 127 4.90 -2.06 -3.55
CA ASP A 127 5.09 -0.61 -3.41
C ASP A 127 3.76 0.08 -3.13
N LEU A 128 3.03 -0.42 -2.12
CA LEU A 128 1.78 0.22 -1.74
C LEU A 128 2.04 1.59 -1.13
N LYS A 129 1.22 2.57 -1.52
CA LYS A 129 1.29 3.90 -0.97
C LYS A 129 -0.03 4.60 -1.27
N PRO A 130 -0.39 5.62 -0.49
CA PRO A 130 -1.69 6.31 -0.70
C PRO A 130 -1.91 6.77 -2.13
N GLN A 131 -0.84 7.22 -2.78
CA GLN A 131 -0.88 7.70 -4.17
C GLN A 131 -1.38 6.61 -5.12
N ASN A 132 -1.12 5.33 -4.78
CA ASN A 132 -1.43 4.15 -5.60
C ASN A 132 -2.78 3.52 -5.26
N LEU A 133 -3.55 4.13 -4.36
CA LEU A 133 -4.84 3.59 -3.93
C LEU A 133 -5.93 4.47 -4.50
N LEU A 134 -6.74 3.92 -5.40
CA LEU A 134 -7.71 4.72 -6.15
C LEU A 134 -9.10 4.53 -5.57
N ILE A 135 -9.88 5.62 -5.51
CA ILE A 135 -11.20 5.60 -4.92
C ILE A 135 -12.22 6.16 -5.91
N ASN A 136 -13.48 5.77 -5.72
CA ASN A 136 -14.56 6.28 -6.56
C ASN A 136 -15.71 6.81 -5.71
N THR A 137 -16.73 7.34 -6.38
CA THR A 137 -17.86 7.97 -5.68
C THR A 137 -18.72 6.96 -4.94
N GLU A 138 -18.65 5.69 -5.30
CA GLU A 138 -19.50 4.66 -4.72
C GLU A 138 -18.97 4.12 -3.39
N GLY A 139 -17.79 4.54 -2.95
CA GLY A 139 -17.25 4.02 -1.70
C GLY A 139 -16.23 2.91 -1.87
N ALA A 140 -15.84 2.58 -3.10
CA ALA A 140 -14.85 1.55 -3.35
C ALA A 140 -13.46 2.14 -3.30
N ILE A 141 -12.48 1.29 -2.99
CA ILE A 141 -11.06 1.64 -3.11
C ILE A 141 -10.34 0.46 -3.76
N LYS A 142 -9.34 0.75 -4.60
CA LYS A 142 -8.72 -0.27 -5.45
C LYS A 142 -7.20 -0.16 -5.46
N LEU A 143 -6.55 -1.32 -5.40
CA LEU A 143 -5.09 -1.38 -5.53
C LEU A 143 -4.68 -1.08 -6.97
N ALA A 144 -3.69 -0.20 -7.14
CA ALA A 144 -3.15 0.14 -8.44
C ALA A 144 -1.64 0.31 -8.34
N ASP A 145 -1.01 0.51 -9.51
CA ASP A 145 0.42 0.82 -9.64
C ASP A 145 1.28 -0.23 -8.95
N PHE A 146 1.05 -1.49 -9.31
CA PHE A 146 1.84 -2.57 -8.73
C PHE A 146 3.32 -2.39 -9.07
N GLY A 147 4.18 -2.96 -8.23
CA GLY A 147 5.60 -2.90 -8.49
C GLY A 147 6.12 -4.15 -9.17
N LEU A 148 5.46 -4.53 -10.27
CA LEU A 148 5.63 -5.85 -10.86
C LEU A 148 6.68 -5.92 -11.96
N ALA A 149 7.02 -4.78 -12.58
CA ALA A 149 7.94 -4.83 -13.72
C ALA A 149 9.28 -5.45 -13.36
N ARG A 150 9.76 -5.20 -12.14
CA ARG A 150 11.04 -5.75 -11.68
C ARG A 150 11.00 -7.28 -11.60
N VAL A 163 12.22 11.22 -7.03
CA VAL A 163 12.66 10.73 -5.73
C VAL A 163 11.69 9.66 -5.20
N VAL A 164 12.26 8.55 -4.74
CA VAL A 164 11.45 7.41 -4.33
C VAL A 164 10.95 7.62 -2.91
N THR A 165 9.66 7.37 -2.69
CA THR A 165 9.11 7.42 -1.34
C THR A 165 9.38 6.10 -0.65
N LEU A 166 10.05 6.16 0.50
CA LEU A 166 10.37 4.97 1.29
C LEU A 166 9.47 4.79 2.50
N TRP A 167 8.52 5.71 2.72
CA TRP A 167 7.78 5.76 3.97
C TRP A 167 7.02 4.48 4.29
N TYR A 168 6.68 3.68 3.28
CA TYR A 168 5.84 2.50 3.49
C TYR A 168 6.62 1.22 3.29
N ARG A 169 7.94 1.29 3.22
N ARG A 169 7.95 1.30 3.19
CA ARG A 169 8.80 0.14 2.94
CA ARG A 169 8.79 0.14 2.97
C ARG A 169 9.01 -0.73 4.17
C ARG A 169 8.89 -0.72 4.22
N ALA A 170 8.69 -2.02 4.08
CA ALA A 170 8.86 -2.95 5.19
C ALA A 170 10.33 -3.05 5.64
N PRO A 171 10.58 -3.34 6.92
CA PRO A 171 11.97 -3.33 7.41
C PRO A 171 12.83 -4.41 6.80
N GLU A 172 12.26 -5.57 6.41
CA GLU A 172 13.08 -6.59 5.79
C GLU A 172 13.58 -6.14 4.41
N ILE A 173 12.82 -5.31 3.70
CA ILE A 173 13.33 -4.77 2.43
C ILE A 173 14.48 -3.82 2.71
N LEU A 174 14.34 -2.97 3.72
CA LEU A 174 15.38 -1.99 4.02
C LEU A 174 16.65 -2.66 4.51
N LEU A 175 16.52 -3.81 5.14
CA LEU A 175 17.66 -4.57 5.62
C LEU A 175 18.24 -5.48 4.56
N GLY A 176 17.75 -5.40 3.33
CA GLY A 176 18.41 -6.04 2.20
C GLY A 176 18.04 -7.49 1.94
N CYS A 177 16.90 -7.96 2.43
N CYS A 177 16.91 -7.96 2.45
CA CYS A 177 16.48 -9.32 2.10
CA CYS A 177 16.42 -9.27 2.05
C CYS A 177 16.13 -9.39 0.61
C CYS A 177 16.23 -9.33 0.55
N LYS A 178 16.58 -10.46 -0.05
CA LYS A 178 16.39 -10.61 -1.49
C LYS A 178 15.25 -11.56 -1.82
N TYR A 179 14.37 -11.85 -0.87
CA TYR A 179 13.15 -12.60 -1.12
C TYR A 179 12.02 -11.93 -0.36
N TYR A 180 11.23 -11.10 -1.05
CA TYR A 180 10.07 -10.51 -0.42
C TYR A 180 9.02 -11.58 -0.17
N SER A 181 8.24 -11.41 0.89
CA SER A 181 7.05 -12.21 1.08
C SER A 181 5.83 -11.30 1.08
N THR A 182 4.66 -11.93 1.12
CA THR A 182 3.41 -11.16 1.17
C THR A 182 3.34 -10.23 2.37
N ALA A 183 4.19 -10.44 3.40
CA ALA A 183 4.18 -9.60 4.59
C ALA A 183 4.58 -8.16 4.29
N VAL A 184 5.35 -7.93 3.23
CA VAL A 184 5.75 -6.55 2.93
C VAL A 184 4.54 -5.69 2.60
N ASP A 185 3.50 -6.27 2.02
CA ASP A 185 2.31 -5.48 1.67
C ASP A 185 1.46 -5.19 2.89
N ILE A 186 1.42 -6.14 3.83
CA ILE A 186 0.73 -5.90 5.10
C ILE A 186 1.41 -4.78 5.87
N TRP A 187 2.75 -4.78 5.88
CA TRP A 187 3.47 -3.67 6.53
C TRP A 187 3.04 -2.33 5.93
N SER A 188 3.12 -2.20 4.61
CA SER A 188 2.77 -0.94 3.96
C SER A 188 1.34 -0.52 4.29
N LEU A 189 0.41 -1.47 4.28
CA LEU A 189 -0.99 -1.15 4.58
C LEU A 189 -1.17 -0.73 6.03
N GLY A 190 -0.40 -1.29 6.95
CA GLY A 190 -0.44 -0.81 8.33
C GLY A 190 0.01 0.63 8.41
N CYS A 191 1.08 0.97 7.67
CA CYS A 191 1.54 2.35 7.66
C CYS A 191 0.47 3.29 7.12
N ILE A 192 -0.29 2.84 6.12
CA ILE A 192 -1.32 3.68 5.51
C ILE A 192 -2.51 3.81 6.44
N PHE A 193 -2.91 2.70 7.07
CA PHE A 193 -3.92 2.68 8.14
C PHE A 193 -3.61 3.74 9.20
N ALA A 194 -2.39 3.72 9.75
CA ALA A 194 -1.98 4.70 10.75
C ALA A 194 -2.11 6.12 10.23
N GLU A 195 -1.72 6.34 8.98
CA GLU A 195 -1.75 7.68 8.42
C GLU A 195 -3.17 8.21 8.24
N MET A 196 -4.11 7.33 7.86
CA MET A 196 -5.51 7.75 7.77
C MET A 196 -6.03 8.19 9.13
N VAL A 197 -5.61 7.49 10.19
CA VAL A 197 -6.14 7.73 11.54
C VAL A 197 -5.57 9.01 12.12
N THR A 198 -4.26 9.19 12.04
CA THR A 198 -3.61 10.33 12.68
C THR A 198 -3.44 11.55 11.78
N ARG A 199 -3.62 11.41 10.46
CA ARG A 199 -3.42 12.46 9.46
C ARG A 199 -1.96 12.95 9.44
N ARG A 200 -1.02 12.03 9.67
CA ARG A 200 0.39 12.29 9.49
C ARG A 200 1.04 10.97 9.15
N ALA A 201 2.01 11.00 8.24
CA ALA A 201 2.76 9.79 7.90
C ALA A 201 3.42 9.20 9.13
N LEU A 202 3.38 7.86 9.25
CA LEU A 202 3.92 7.19 10.43
C LEU A 202 5.44 7.27 10.47
N PHE A 203 6.09 6.93 9.34
CA PHE A 203 7.55 6.81 9.25
C PHE A 203 8.02 7.57 8.03
N PRO A 204 8.08 8.92 8.09
CA PRO A 204 8.49 9.68 6.89
C PRO A 204 10.01 9.86 6.75
N GLY A 205 10.70 8.78 6.42
CA GLY A 205 12.13 8.87 6.21
C GLY A 205 12.46 9.43 4.84
N ASP A 206 13.65 10.05 4.73
CA ASP A 206 14.10 10.57 3.46
C ASP A 206 15.41 9.93 3.00
N SER A 207 15.78 8.81 3.62
CA SER A 207 16.86 7.94 3.16
C SER A 207 16.57 6.56 3.73
N GLU A 208 17.23 5.54 3.18
CA GLU A 208 16.99 4.18 3.68
C GLU A 208 17.32 4.07 5.16
N ILE A 209 18.44 4.64 5.59
CA ILE A 209 18.80 4.51 7.00
C ILE A 209 17.95 5.43 7.87
N ASP A 210 17.53 6.58 7.36
CA ASP A 210 16.60 7.42 8.10
C ASP A 210 15.26 6.72 8.25
N GLN A 211 14.83 6.03 7.20
CA GLN A 211 13.60 5.26 7.28
C GLN A 211 13.73 4.15 8.31
N LEU A 212 14.82 3.41 8.24
CA LEU A 212 15.06 2.32 9.19
C LEU A 212 15.05 2.84 10.62
N PHE A 213 15.72 3.95 10.87
CA PHE A 213 15.87 4.43 12.24
C PHE A 213 14.59 5.09 12.73
N ARG A 214 13.78 5.64 11.82
CA ARG A 214 12.45 6.12 12.23
C ARG A 214 11.59 4.95 12.72
N ILE A 215 11.67 3.80 12.04
CA ILE A 215 10.96 2.62 12.50
C ILE A 215 11.50 2.16 13.85
N PHE A 216 12.83 2.05 13.96
CA PHE A 216 13.46 1.60 15.20
C PHE A 216 13.06 2.47 16.37
N ARG A 217 13.04 3.80 16.18
CA ARG A 217 12.75 4.69 17.30
C ARG A 217 11.33 4.51 17.81
N THR A 218 10.40 4.14 16.93
CA THR A 218 9.01 3.92 17.32
C THR A 218 8.77 2.53 17.89
N LEU A 219 9.23 1.49 17.20
CA LEU A 219 8.90 0.11 17.54
C LEU A 219 10.00 -0.60 18.32
N GLY A 220 11.12 0.07 18.57
CA GLY A 220 12.27 -0.56 19.19
C GLY A 220 13.21 -1.13 18.16
N THR A 221 14.51 -1.02 18.39
CA THR A 221 15.48 -1.69 17.53
C THR A 221 15.28 -3.20 17.59
N PRO A 222 15.09 -3.87 16.46
CA PRO A 222 14.81 -5.31 16.50
C PRO A 222 16.05 -6.08 16.94
N ASP A 223 15.82 -7.22 17.59
CA ASP A 223 16.90 -8.13 17.95
C ASP A 223 16.46 -9.56 17.65
N GLU A 224 17.31 -10.52 18.05
CA GLU A 224 16.97 -11.92 17.80
C GLU A 224 15.77 -12.38 18.60
N VAL A 225 15.43 -11.67 19.67
CA VAL A 225 14.28 -12.08 20.49
C VAL A 225 12.98 -11.86 19.72
N VAL A 226 12.77 -10.63 19.23
CA VAL A 226 11.53 -10.32 18.51
C VAL A 226 11.59 -10.68 17.04
N TRP A 227 12.79 -10.87 16.47
CA TRP A 227 12.94 -11.14 15.04
C TRP A 227 14.12 -12.07 14.83
N PRO A 228 13.92 -13.38 15.01
CA PRO A 228 15.01 -14.34 14.81
C PRO A 228 15.59 -14.23 13.40
N GLY A 229 16.91 -14.17 13.32
CA GLY A 229 17.58 -14.01 12.06
C GLY A 229 17.82 -12.59 11.63
N VAL A 230 17.37 -11.59 12.42
CA VAL A 230 17.54 -10.21 11.97
C VAL A 230 19.01 -9.83 11.92
N THR A 231 19.82 -10.36 12.83
CA THR A 231 21.22 -9.91 12.90
C THR A 231 22.07 -10.46 11.76
N SER A 232 21.53 -11.35 10.94
CA SER A 232 22.28 -11.91 9.83
C SER A 232 21.76 -11.43 8.48
N MET A 233 20.85 -10.46 8.48
CA MET A 233 20.38 -9.89 7.24
C MET A 233 21.46 -9.03 6.60
N PRO A 234 21.48 -8.94 5.27
CA PRO A 234 22.66 -8.35 4.60
C PRO A 234 23.02 -6.96 5.06
N ASP A 235 22.04 -6.10 5.33
CA ASP A 235 22.33 -4.72 5.67
C ASP A 235 22.24 -4.45 7.17
N TYR A 236 22.10 -5.48 8.00
CA TYR A 236 22.08 -5.26 9.43
C TYR A 236 23.48 -4.89 9.89
N LYS A 237 23.56 -3.93 10.81
CA LYS A 237 24.83 -3.59 11.46
C LYS A 237 24.70 -3.76 12.97
N PRO A 238 25.61 -4.52 13.60
CA PRO A 238 25.60 -4.57 15.07
C PRO A 238 25.69 -3.20 15.71
N SER A 239 26.20 -2.22 14.98
CA SER A 239 26.35 -0.85 15.46
C SER A 239 25.07 -0.02 15.34
N PHE A 240 23.96 -0.59 14.87
CA PHE A 240 22.70 0.15 14.90
C PHE A 240 22.46 0.63 16.34
N PRO A 241 22.00 1.86 16.53
CA PRO A 241 21.62 2.26 17.89
C PRO A 241 20.46 1.43 18.40
N LYS A 242 20.44 1.20 19.72
CA LYS A 242 19.40 0.41 20.38
C LYS A 242 18.39 1.37 20.99
N TRP A 243 17.25 1.51 20.32
CA TRP A 243 16.15 2.30 20.85
C TRP A 243 15.15 1.38 21.54
N ALA A 244 14.58 1.87 22.64
CA ALA A 244 13.50 1.14 23.28
C ALA A 244 12.20 1.37 22.53
N ARG A 245 11.30 0.40 22.63
CA ARG A 245 10.00 0.51 21.98
C ARG A 245 9.10 1.47 22.73
N GLN A 246 8.41 2.36 22.00
CA GLN A 246 7.34 3.19 22.52
C GLN A 246 6.05 2.37 22.59
N ASP A 247 4.94 3.00 22.97
CA ASP A 247 3.68 2.29 23.13
C ASP A 247 2.66 2.73 22.08
N PHE A 248 1.90 1.77 21.59
CA PHE A 248 0.96 2.05 20.52
C PHE A 248 -0.08 3.09 20.91
N SER A 249 -0.39 3.20 22.20
CA SER A 249 -1.27 4.28 22.62
C SER A 249 -0.66 5.64 22.30
N LYS A 250 0.67 5.74 22.20
CA LYS A 250 1.30 6.98 21.76
C LYS A 250 1.30 7.12 20.24
N VAL A 251 1.21 6.00 19.51
CA VAL A 251 1.50 5.99 18.09
C VAL A 251 0.28 6.40 17.27
N VAL A 252 -0.89 5.83 17.58
CA VAL A 252 -2.08 6.19 16.81
C VAL A 252 -3.19 6.69 17.74
N PRO A 253 -2.89 7.64 18.64
CA PRO A 253 -3.68 7.87 19.85
C PRO A 253 -5.17 7.62 19.69
N PRO A 254 -5.89 8.36 18.82
CA PRO A 254 -7.36 8.29 18.88
C PRO A 254 -7.91 6.88 18.75
N LEU A 255 -7.14 5.95 18.21
CA LEU A 255 -7.67 4.65 17.80
C LEU A 255 -8.01 3.79 19.00
N ASP A 256 -9.13 3.06 18.91
CA ASP A 256 -9.55 2.18 19.97
C ASP A 256 -8.67 0.93 20.03
N GLU A 257 -8.93 0.10 21.05
CA GLU A 257 -8.06 -1.04 21.29
C GLU A 257 -8.15 -2.08 20.18
N ASP A 258 -9.32 -2.20 19.53
CA ASP A 258 -9.44 -3.14 18.42
C ASP A 258 -8.52 -2.74 17.28
N GLY A 259 -8.54 -1.45 16.94
CA GLY A 259 -7.70 -0.96 15.85
C GLY A 259 -6.22 -0.98 16.20
N ARG A 260 -5.88 -0.58 17.42
CA ARG A 260 -4.48 -0.62 17.84
C ARG A 260 -3.95 -2.04 17.83
N SER A 261 -4.74 -2.99 18.33
CA SER A 261 -4.38 -4.40 18.27
C SER A 261 -4.08 -4.83 16.83
N LEU A 262 -4.98 -4.50 15.91
CA LEU A 262 -4.79 -4.95 14.53
C LEU A 262 -3.55 -4.31 13.94
N LEU A 263 -3.36 -3.01 14.17
CA LEU A 263 -2.17 -2.33 13.65
C LEU A 263 -0.90 -2.97 14.20
N SER A 264 -0.87 -3.28 15.50
CA SER A 264 0.33 -3.89 16.05
C SER A 264 0.67 -5.18 15.32
N GLN A 265 -0.36 -5.95 14.92
CA GLN A 265 -0.10 -7.22 14.24
C GLN A 265 0.33 -7.02 12.80
N MET A 266 -0.06 -5.90 12.18
CA MET A 266 0.41 -5.55 10.85
C MET A 266 1.83 -5.00 10.86
N LEU A 267 2.32 -4.52 12.01
CA LEU A 267 3.65 -3.93 12.11
C LEU A 267 4.62 -4.80 12.90
N HIS A 268 4.35 -6.10 13.01
CA HIS A 268 5.34 -6.98 13.61
C HIS A 268 6.60 -6.98 12.77
N TYR A 269 7.75 -6.93 13.44
CA TYR A 269 9.03 -6.98 12.73
C TYR A 269 9.19 -8.28 11.95
N ASP A 270 8.99 -9.41 12.63
CA ASP A 270 9.19 -10.71 11.99
C ASP A 270 8.11 -10.96 10.95
N PRO A 271 8.43 -11.00 9.65
CA PRO A 271 7.40 -11.25 8.63
C PRO A 271 6.61 -12.51 8.88
N ASN A 272 7.20 -13.49 9.58
CA ASN A 272 6.46 -14.69 9.98
C ASN A 272 5.46 -14.43 11.10
N LYS A 273 5.62 -13.37 11.87
CA LYS A 273 4.66 -13.07 12.91
C LYS A 273 3.61 -12.08 12.44
N ARG A 274 3.92 -11.32 11.38
CA ARG A 274 3.01 -10.33 10.82
C ARG A 274 1.73 -10.98 10.35
N ILE A 275 0.59 -10.36 10.67
CA ILE A 275 -0.70 -10.95 10.33
C ILE A 275 -0.87 -11.02 8.80
N SER A 276 -1.53 -12.07 8.33
CA SER A 276 -1.86 -12.15 6.92
C SER A 276 -3.09 -11.31 6.60
N ALA A 277 -3.33 -11.09 5.30
CA ALA A 277 -4.51 -10.34 4.89
C ALA A 277 -5.79 -11.08 5.25
N LYS A 278 -5.81 -12.40 5.01
CA LYS A 278 -7.00 -13.18 5.34
C LYS A 278 -7.28 -13.20 6.84
N ALA A 279 -6.23 -13.31 7.66
CA ALA A 279 -6.46 -13.29 9.11
C ALA A 279 -6.90 -11.92 9.59
N ALA A 280 -6.31 -10.85 9.02
CA ALA A 280 -6.70 -9.49 9.37
C ALA A 280 -8.17 -9.26 9.10
N LEU A 281 -8.71 -9.86 8.04
CA LEU A 281 -10.12 -9.68 7.72
C LEU A 281 -11.02 -10.24 8.82
N ALA A 282 -10.54 -11.25 9.56
CA ALA A 282 -11.28 -11.86 10.66
C ALA A 282 -11.13 -11.12 11.98
N HIS A 283 -10.32 -10.07 12.02
CA HIS A 283 -10.03 -9.38 13.27
C HIS A 283 -11.27 -8.69 13.83
N PRO A 284 -11.44 -8.65 15.16
CA PRO A 284 -12.62 -7.97 15.74
C PRO A 284 -12.83 -6.53 15.27
N PHE A 285 -11.78 -5.84 14.84
CA PHE A 285 -11.93 -4.46 14.36
C PHE A 285 -12.99 -4.34 13.27
N PHE A 286 -13.18 -5.36 12.45
CA PHE A 286 -14.09 -5.28 11.32
C PHE A 286 -15.48 -5.85 11.64
N GLN A 287 -15.78 -6.16 12.90
CA GLN A 287 -17.08 -6.75 13.20
C GLN A 287 -18.23 -5.82 12.84
N ASP A 288 -18.04 -4.51 12.94
CA ASP A 288 -19.08 -3.54 12.61
C ASP A 288 -18.80 -2.79 11.31
N VAL A 289 -18.04 -3.38 10.39
CA VAL A 289 -17.65 -2.63 9.21
C VAL A 289 -18.86 -2.35 8.34
N THR A 290 -18.88 -1.16 7.73
CA THR A 290 -19.93 -0.76 6.80
C THR A 290 -19.26 -0.27 5.52
N LYS A 291 -20.04 0.23 4.56
CA LYS A 291 -19.47 0.80 3.34
C LYS A 291 -20.06 2.20 3.13
N PRO A 292 -19.50 3.21 3.79
CA PRO A 292 -19.98 4.58 3.59
C PRO A 292 -19.56 5.13 2.24
N VAL A 293 -20.24 6.20 1.86
CA VAL A 293 -19.97 6.94 0.63
C VAL A 293 -19.10 8.14 0.99
N PRO A 294 -17.97 8.35 0.33
CA PRO A 294 -17.16 9.54 0.60
C PRO A 294 -17.73 10.77 -0.09
N HIS A 295 -17.44 11.93 0.49
CA HIS A 295 -17.70 13.21 -0.17
C HIS A 295 -16.50 13.57 -1.04
N LEU A 296 -16.62 13.38 -2.34
CA LEU A 296 -15.53 13.64 -3.29
C LEU A 296 -15.84 14.89 -4.10
N ARG A 297 -14.83 15.72 -4.29
CA ARG A 297 -14.89 16.90 -5.14
C ARG A 297 -14.00 16.62 -6.35
N LEU A 298 -14.63 16.27 -7.47
CA LEU A 298 -13.90 15.96 -8.68
C LEU A 298 -13.83 17.18 -9.58
C13 8KF B . 0.36 -4.04 -12.98
C15 8KF B . -1.89 -4.88 -12.05
C17 8KF B . -2.78 -6.92 -11.09
C20 8KF B . -3.06 -4.72 -12.78
C22 8KF B . -4.22 -8.60 -10.69
C24 8KF B . -2.19 -8.83 -9.41
C26 8KF B . -3.94 -10.49 -9.21
C02 8KF B . 0.86 -1.62 -12.53
C04 8KF B . 1.20 -2.96 -13.16
C05 8KF B . 2.36 -3.07 -13.91
C06 8KF B . 2.67 -4.28 -14.49
C07 8KF B . 3.94 -4.39 -15.33
C11 8KF B . 1.82 -5.37 -14.33
C12 8KF B . 0.67 -5.25 -13.57
C16 8KF B . -1.75 -5.97 -11.19
C18 8KF B . -3.94 -6.76 -11.83
C19 8KF B . -4.09 -5.65 -12.68
C23 8KF B . -2.97 -8.13 -10.34
C25 8KF B . -2.68 -10.00 -8.86
C27 8KF B . -4.71 -9.79 -10.12
F08 8KF B . 3.59 -4.66 -16.63
F09 8KF B . 4.64 -3.22 -15.25
F10 8KF B . 4.73 -5.39 -14.86
N14 8KF B . -0.85 -3.87 -12.18
N21 8KF B . -4.77 -7.77 -11.57
O01 8KF B . 0.01 -1.54 -11.60
O03 8KF B . 1.47 -0.59 -12.96
#